data_7FZF
#
_entry.id   7FZF
#
_cell.length_a   32.378
_cell.length_b   53.682
_cell.length_c   75.103
_cell.angle_alpha   90.000
_cell.angle_beta   90.000
_cell.angle_gamma   90.000
#
_symmetry.space_group_name_H-M   'P 21 21 21'
#
loop_
_entity.id
_entity.type
_entity.pdbx_description
1 polymer 'Fatty acid-binding protein, adipocyte'
2 non-polymer '(2S)-2-(6-methyl-4-oxo-5-phenylthieno[2,3-d]pyrimidin-3(4H)-yl)butanoic acid'
3 non-polymer '(2R)-2-(6-methyl-4-oxo-5-phenylthieno[2,3-d]pyrimidin-3(4H)-yl)butanoic acid'
4 non-polymer 'SULFATE ION'
5 water water
#
_entity_poly.entity_id   1
_entity_poly.type   'polypeptide(L)'
_entity_poly.pdbx_seq_one_letter_code
;GSHMCDAFVGTWKLVSSENFDDYMKEVGVGFATRKVAGMAKPNMIISVNGDVITIKSESTFKNTEISFILGQEFDEVTAD
DRKVKSTITLDGGVLVHVQKWDGKSTTIKRKREDDKLVVECVMKGVTSTRVYERA
;
_entity_poly.pdbx_strand_id   A
#
# COMPACT_ATOMS: atom_id res chain seq x y z
N HIS A 3 4.39 -2.64 -20.56
CA HIS A 3 3.08 -3.28 -20.27
C HIS A 3 3.03 -4.04 -18.94
N MET A 4 4.12 -3.81 -18.18
CA MET A 4 4.44 -4.56 -16.93
C MET A 4 3.34 -4.56 -15.88
N CYS A 5 2.60 -3.46 -15.79
CA CYS A 5 1.57 -3.26 -14.76
C CYS A 5 0.26 -2.89 -15.37
N ASP A 6 -0.03 -3.31 -16.60
CA ASP A 6 -1.14 -2.78 -17.35
C ASP A 6 -2.41 -2.93 -16.55
N ALA A 7 -2.60 -4.08 -15.92
CA ALA A 7 -3.89 -4.35 -15.23
C ALA A 7 -4.03 -3.59 -13.94
N PHE A 8 -2.94 -3.05 -13.38
CA PHE A 8 -3.01 -2.20 -12.18
C PHE A 8 -3.33 -0.72 -12.47
N VAL A 9 -3.01 -0.26 -13.67
CA VAL A 9 -3.13 1.18 -14.00
CA VAL A 9 -3.10 1.18 -13.89
C VAL A 9 -4.58 1.60 -13.92
N GLY A 10 -4.80 2.74 -13.31
CA GLY A 10 -6.13 3.30 -13.20
C GLY A 10 -6.36 4.06 -11.93
N THR A 11 -7.61 4.41 -11.71
CA THR A 11 -8.04 5.06 -10.51
C THR A 11 -8.96 4.09 -9.80
N TRP A 12 -8.67 3.88 -8.54
CA TRP A 12 -9.31 2.89 -7.73
C TRP A 12 -9.83 3.56 -6.44
N LYS A 13 -10.95 3.13 -5.95
CA LYS A 13 -11.52 3.66 -4.70
CA LYS A 13 -11.57 3.68 -4.71
C LYS A 13 -11.70 2.55 -3.68
N LEU A 14 -11.41 2.84 -2.42
CA LEU A 14 -11.51 1.87 -1.34
C LEU A 14 -12.97 1.53 -1.12
N VAL A 15 -13.29 0.23 -1.13
CA VAL A 15 -14.64 -0.22 -0.82
C VAL A 15 -14.80 -1.09 0.41
N SER A 16 -13.75 -1.76 0.91
CA SER A 16 -13.82 -2.46 2.16
C SER A 16 -12.47 -2.53 2.80
N SER A 17 -12.48 -2.68 4.10
CA SER A 17 -11.26 -2.87 4.89
C SER A 17 -11.52 -3.86 6.00
N GLU A 18 -10.52 -4.68 6.33
CA GLU A 18 -10.58 -5.57 7.44
C GLU A 18 -9.27 -5.56 8.19
N ASN A 19 -9.36 -5.42 9.50
CA ASN A 19 -8.27 -5.49 10.45
CA ASN A 19 -8.18 -5.57 10.37
C ASN A 19 -7.19 -4.42 10.26
N PHE A 20 -7.54 -3.31 9.60
CA PHE A 20 -6.56 -2.25 9.36
C PHE A 20 -6.14 -1.56 10.64
N ASP A 21 -7.05 -1.35 11.60
CA ASP A 21 -6.66 -0.77 12.88
C ASP A 21 -5.58 -1.60 13.53
N ASP A 22 -5.76 -2.90 13.60
CA ASP A 22 -4.76 -3.77 14.25
CA ASP A 22 -4.75 -3.75 14.24
C ASP A 22 -3.44 -3.74 13.46
N TYR A 23 -3.48 -3.74 12.14
CA TYR A 23 -2.26 -3.65 11.35
C TYR A 23 -1.56 -2.34 11.69
N MET A 24 -2.26 -1.22 11.74
CA MET A 24 -1.64 0.04 12.09
C MET A 24 -1.05 0.00 13.49
N LYS A 25 -1.76 -0.62 14.44
CA LYS A 25 -1.18 -0.77 15.78
C LYS A 25 0.16 -1.50 15.73
N GLU A 26 0.23 -2.56 14.96
CA GLU A 26 1.42 -3.36 14.86
CA GLU A 26 1.44 -3.37 14.84
C GLU A 26 2.59 -2.61 14.24
N VAL A 27 2.33 -1.77 13.27
CA VAL A 27 3.36 -0.94 12.69
C VAL A 27 3.80 0.25 13.57
N GLY A 28 3.03 0.53 14.61
CA GLY A 28 3.36 1.55 15.58
C GLY A 28 2.59 2.84 15.51
N VAL A 29 1.52 2.87 14.76
CA VAL A 29 0.76 4.12 14.62
C VAL A 29 0.03 4.38 15.94
N GLY A 30 0.07 5.66 16.34
CA GLY A 30 -0.58 6.14 17.54
C GLY A 30 -2.10 6.27 17.43
N PHE A 31 -2.76 6.36 18.58
CA PHE A 31 -4.19 6.33 18.66
C PHE A 31 -4.87 7.34 17.70
N ALA A 32 -4.51 8.62 17.82
CA ALA A 32 -5.29 9.60 17.10
C ALA A 32 -5.11 9.39 15.60
N THR A 33 -3.89 9.11 15.14
CA THR A 33 -3.67 8.85 13.73
C THR A 33 -4.49 7.63 13.29
N ARG A 34 -4.49 6.57 14.06
CA ARG A 34 -5.24 5.40 13.66
C ARG A 34 -6.69 5.71 13.47
N LYS A 35 -7.27 6.50 14.38
CA LYS A 35 -8.70 6.73 14.31
C LYS A 35 -9.00 7.57 13.08
N VAL A 36 -8.30 8.66 12.87
CA VAL A 36 -8.54 9.54 11.70
C VAL A 36 -8.18 8.82 10.40
N ALA A 37 -7.05 8.17 10.32
CA ALA A 37 -6.66 7.50 9.13
C ALA A 37 -7.58 6.33 8.81
N GLY A 38 -8.07 5.65 9.84
CA GLY A 38 -8.97 4.52 9.60
C GLY A 38 -10.31 4.90 9.00
N MET A 39 -10.76 6.17 9.19
CA MET A 39 -11.95 6.69 8.51
C MET A 39 -11.76 7.05 7.08
N ALA A 40 -10.53 7.18 6.64
CA ALA A 40 -10.31 7.67 5.27
C ALA A 40 -10.83 6.64 4.24
N LYS A 41 -11.25 7.15 3.11
CA LYS A 41 -11.63 6.27 1.96
C LYS A 41 -10.79 6.73 0.78
N PRO A 42 -9.49 6.32 0.77
CA PRO A 42 -8.61 6.88 -0.24
C PRO A 42 -8.95 6.43 -1.69
N ASN A 43 -8.58 7.29 -2.60
CA ASN A 43 -8.49 7.05 -4.07
CA ASN A 43 -8.48 6.87 -4.03
C ASN A 43 -7.02 6.67 -4.36
N MET A 44 -6.72 5.43 -4.91
CA MET A 44 -5.40 4.97 -5.30
C MET A 44 -5.24 5.12 -6.83
N ILE A 45 -4.29 5.92 -7.25
CA ILE A 45 -4.13 6.21 -8.69
C ILE A 45 -2.77 5.67 -9.09
N ILE A 46 -2.81 4.65 -9.95
CA ILE A 46 -1.62 3.94 -10.41
C ILE A 46 -1.38 4.31 -11.88
N SER A 47 -0.15 4.73 -12.19
CA SER A 47 0.22 5.09 -13.58
C SER A 47 1.62 4.62 -13.86
N VAL A 48 1.93 4.43 -15.14
CA VAL A 48 3.23 4.01 -15.59
C VAL A 48 3.66 4.89 -16.75
N ASN A 49 4.92 5.28 -16.72
CA ASN A 49 5.53 6.08 -17.80
C ASN A 49 6.91 5.51 -17.98
N GLY A 50 7.09 4.80 -19.08
CA GLY A 50 8.29 4.00 -19.30
C GLY A 50 8.46 2.96 -18.24
N ASP A 51 9.59 2.96 -17.56
CA ASP A 51 9.86 2.03 -16.44
C ASP A 51 9.49 2.58 -15.08
N VAL A 52 8.95 3.79 -15.03
CA VAL A 52 8.61 4.38 -13.74
C VAL A 52 7.16 4.19 -13.42
N ILE A 53 6.89 3.58 -12.27
CA ILE A 53 5.51 3.41 -11.77
C ILE A 53 5.27 4.50 -10.69
N THR A 54 4.10 5.14 -10.76
CA THR A 54 3.69 6.08 -9.72
C THR A 54 2.42 5.56 -9.08
N ILE A 55 2.37 5.59 -7.77
CA ILE A 55 1.18 5.26 -6.99
C ILE A 55 0.86 6.47 -6.09
N LYS A 56 -0.29 7.09 -6.34
CA LYS A 56 -0.79 8.16 -5.52
C LYS A 56 -1.95 7.70 -4.68
N SER A 57 -2.09 8.25 -3.48
CA SER A 57 -3.21 7.98 -2.60
CA SER A 57 -3.22 7.98 -2.58
C SER A 57 -3.71 9.33 -2.12
N GLU A 58 -4.96 9.64 -2.45
CA GLU A 58 -5.55 10.92 -2.07
C GLU A 58 -6.71 10.65 -1.09
N SER A 59 -6.76 11.38 0.02
CA SER A 59 -7.85 11.28 1.00
C SER A 59 -7.86 12.51 1.85
N THR A 60 -8.90 12.63 2.67
CA THR A 60 -8.93 13.76 3.65
C THR A 60 -7.80 13.67 4.69
N PHE A 61 -7.32 12.47 4.96
CA PHE A 61 -6.25 12.24 5.93
C PHE A 61 -4.91 12.76 5.47
N LYS A 62 -4.49 12.30 4.31
CA LYS A 62 -3.22 12.66 3.75
C LYS A 62 -3.23 12.34 2.24
N ASN A 63 -2.53 13.14 1.44
CA ASN A 63 -2.21 12.81 0.06
C ASN A 63 -0.77 12.34 0.02
N THR A 64 -0.53 11.15 -0.55
CA THR A 64 0.80 10.60 -0.67
C THR A 64 1.08 10.27 -2.15
N GLU A 65 2.35 10.10 -2.46
CA GLU A 65 2.79 9.72 -3.81
C GLU A 65 4.12 9.05 -3.69
N ILE A 66 4.27 7.92 -4.34
CA ILE A 66 5.56 7.28 -4.55
C ILE A 66 5.75 7.03 -6.05
N SER A 67 6.99 7.16 -6.49
CA SER A 67 7.42 6.78 -7.85
C SER A 67 8.64 5.93 -7.71
N PHE A 68 8.76 4.88 -8.54
CA PHE A 68 9.81 3.89 -8.38
C PHE A 68 9.96 3.08 -9.65
N ILE A 69 11.10 2.38 -9.69
CA ILE A 69 11.41 1.37 -10.68
C ILE A 69 11.43 0.02 -9.99
N LEU A 70 10.85 -1.02 -10.58
CA LEU A 70 10.81 -2.31 -9.96
C LEU A 70 12.21 -2.78 -9.60
N GLY A 71 12.35 -3.34 -8.41
CA GLY A 71 13.61 -3.90 -7.95
C GLY A 71 14.61 -2.91 -7.46
N GLN A 72 14.29 -1.61 -7.44
CA GLN A 72 15.24 -0.52 -7.12
C GLN A 72 14.76 0.22 -5.89
N GLU A 73 15.53 0.04 -4.80
CA GLU A 73 15.16 0.59 -3.49
C GLU A 73 15.04 2.09 -3.52
N PHE A 74 14.15 2.63 -2.70
CA PHE A 74 13.96 4.06 -2.58
C PHE A 74 13.60 4.38 -1.11
N ASP A 75 13.81 5.64 -0.75
CA ASP A 75 13.29 6.23 0.48
CA ASP A 75 13.42 6.08 0.61
C ASP A 75 11.97 6.68 0.49
N GLU A 76 11.09 6.32 1.45
CA GLU A 76 9.70 6.65 1.49
C GLU A 76 9.43 7.19 2.93
N VAL A 77 8.64 8.26 3.00
CA VAL A 77 8.01 8.67 4.26
C VAL A 77 6.56 8.23 4.17
N THR A 78 6.19 7.29 5.03
CA THR A 78 4.86 6.74 5.01
C THR A 78 3.85 7.71 5.53
N ALA A 79 2.57 7.39 5.37
CA ALA A 79 1.51 8.34 5.79
C ALA A 79 1.47 8.59 7.30
N ASP A 80 1.99 7.64 8.08
CA ASP A 80 2.14 7.71 9.51
C ASP A 80 3.55 8.18 9.92
N ASP A 81 4.32 8.69 8.95
CA ASP A 81 5.59 9.41 9.15
C ASP A 81 6.75 8.48 9.54
N ARG A 82 6.70 7.19 9.22
CA ARG A 82 7.88 6.35 9.30
C ARG A 82 8.79 6.67 8.11
N LYS A 83 10.08 6.68 8.35
CA LYS A 83 11.09 6.83 7.30
C LYS A 83 11.60 5.43 7.01
N VAL A 84 11.15 4.91 5.86
CA VAL A 84 11.43 3.54 5.52
C VAL A 84 12.25 3.43 4.22
N LYS A 85 12.89 2.28 4.07
CA LYS A 85 13.50 1.87 2.83
CA LYS A 85 13.49 1.88 2.82
C LYS A 85 12.56 0.86 2.15
N SER A 86 12.11 1.24 0.96
CA SER A 86 11.09 0.48 0.20
C SER A 86 11.71 -0.15 -1.02
N THR A 87 11.27 -1.38 -1.31
CA THR A 87 11.58 -2.03 -2.59
C THR A 87 10.30 -2.67 -3.08
N ILE A 88 9.96 -2.44 -4.33
CA ILE A 88 8.74 -2.98 -4.94
C ILE A 88 9.16 -3.81 -6.15
N THR A 89 8.66 -5.04 -6.19
CA THR A 89 8.90 -5.97 -7.27
C THR A 89 7.59 -6.57 -7.76
N LEU A 90 7.62 -7.18 -8.94
CA LEU A 90 6.52 -7.94 -9.45
CA LEU A 90 6.51 -8.01 -9.43
C LEU A 90 6.89 -9.44 -9.31
N ASP A 91 6.07 -10.20 -8.60
CA ASP A 91 6.35 -11.62 -8.39
C ASP A 91 5.12 -12.33 -8.87
N GLY A 92 5.20 -13.01 -10.01
CA GLY A 92 4.00 -13.72 -10.43
C GLY A 92 2.74 -12.87 -10.59
N GLY A 93 2.90 -11.69 -11.12
CA GLY A 93 1.78 -10.78 -11.33
C GLY A 93 1.29 -10.05 -10.08
N VAL A 94 1.93 -10.22 -8.93
CA VAL A 94 1.58 -9.52 -7.71
C VAL A 94 2.64 -8.49 -7.49
N LEU A 95 2.21 -7.25 -7.20
CA LEU A 95 3.14 -6.22 -6.80
CA LEU A 95 3.13 -6.20 -6.81
C LEU A 95 3.47 -6.38 -5.33
N VAL A 96 4.74 -6.58 -5.00
CA VAL A 96 5.17 -6.87 -3.62
C VAL A 96 6.02 -5.69 -3.15
N HIS A 97 5.59 -5.00 -2.10
CA HIS A 97 6.24 -3.83 -1.55
C HIS A 97 6.70 -4.17 -0.16
N VAL A 98 8.03 -4.17 0.06
CA VAL A 98 8.62 -4.38 1.36
C VAL A 98 9.14 -3.05 1.89
N GLN A 99 8.80 -2.75 3.14
CA GLN A 99 9.31 -1.55 3.81
C GLN A 99 10.13 -2.03 5.02
N LYS A 100 11.33 -1.48 5.15
CA LYS A 100 12.27 -1.80 6.24
C LYS A 100 12.57 -0.50 7.00
N TRP A 101 12.52 -0.57 8.33
CA TRP A 101 12.88 0.57 9.18
C TRP A 101 13.14 0.11 10.59
N ASP A 102 14.14 0.69 11.28
CA ASP A 102 14.34 0.39 12.70
C ASP A 102 14.41 -1.12 13.00
N GLY A 103 15.02 -1.90 12.10
CA GLY A 103 15.08 -3.38 12.25
C GLY A 103 13.77 -4.19 12.08
N LYS A 104 12.70 -3.48 11.66
CA LYS A 104 11.37 -4.04 11.43
C LYS A 104 11.13 -4.15 9.92
N SER A 105 10.09 -4.87 9.57
CA SER A 105 9.71 -5.08 8.15
C SER A 105 8.23 -5.28 8.06
N THR A 106 7.64 -4.80 6.98
CA THR A 106 6.25 -5.07 6.65
C THR A 106 6.17 -5.27 5.14
N THR A 107 5.24 -6.11 4.70
CA THR A 107 5.03 -6.38 3.29
C THR A 107 3.61 -6.05 2.89
N ILE A 108 3.49 -5.32 1.81
CA ILE A 108 2.20 -4.91 1.22
C ILE A 108 2.12 -5.48 -0.18
N LYS A 109 1.13 -6.36 -0.43
CA LYS A 109 0.94 -6.97 -1.73
C LYS A 109 -0.30 -6.41 -2.38
N ARG A 110 -0.21 -6.17 -3.68
CA ARG A 110 -1.34 -5.67 -4.49
CA ARG A 110 -1.35 -5.64 -4.46
C ARG A 110 -1.56 -6.67 -5.59
N LYS A 111 -2.81 -7.11 -5.72
CA LYS A 111 -3.22 -8.17 -6.60
C LYS A 111 -4.49 -7.77 -7.36
N ARG A 112 -4.58 -8.12 -8.61
CA ARG A 112 -5.81 -7.95 -9.37
C ARG A 112 -6.57 -9.24 -9.25
N GLU A 113 -7.82 -9.14 -8.76
CA GLU A 113 -8.71 -10.28 -8.58
C GLU A 113 -10.10 -9.92 -9.09
N ASP A 114 -10.53 -10.58 -10.16
CA ASP A 114 -11.74 -10.19 -10.87
C ASP A 114 -11.61 -8.71 -11.21
N ASP A 115 -12.62 -7.86 -10.94
CA ASP A 115 -12.55 -6.47 -11.25
C ASP A 115 -12.02 -5.65 -10.12
N LYS A 116 -11.46 -6.27 -9.08
CA LYS A 116 -10.97 -5.60 -7.88
C LYS A 116 -9.45 -5.55 -7.87
N LEU A 117 -8.96 -4.62 -7.07
CA LEU A 117 -7.56 -4.58 -6.70
CA LEU A 117 -7.55 -4.54 -6.70
C LEU A 117 -7.55 -4.78 -5.18
N VAL A 118 -6.87 -5.88 -4.78
CA VAL A 118 -6.84 -6.29 -3.39
C VAL A 118 -5.46 -6.01 -2.82
N VAL A 119 -5.46 -5.29 -1.71
CA VAL A 119 -4.21 -4.94 -1.00
C VAL A 119 -4.15 -5.72 0.31
N GLU A 120 -3.09 -6.48 0.47
CA GLU A 120 -2.88 -7.25 1.68
C GLU A 120 -1.63 -6.81 2.36
N CYS A 121 -1.71 -6.36 3.61
CA CYS A 121 -0.49 -6.02 4.25
CA CYS A 121 -0.65 -5.76 4.40
C CYS A 121 -0.34 -6.76 5.52
N VAL A 122 0.91 -7.08 5.83
CA VAL A 122 1.24 -8.01 6.87
C VAL A 122 2.46 -7.51 7.66
N MET A 123 2.35 -7.62 8.97
CA MET A 123 3.46 -7.35 9.86
CA MET A 123 3.56 -7.52 9.79
C MET A 123 3.39 -8.39 10.98
N LYS A 124 4.45 -9.17 11.03
N LYS A 124 4.29 -9.37 11.19
CA LYS A 124 4.54 -10.28 11.86
CA LYS A 124 4.35 -10.25 12.40
C LYS A 124 3.25 -11.03 11.52
C LYS A 124 3.02 -10.92 12.67
N GLY A 125 2.38 -11.30 12.46
N GLY A 125 2.42 -11.42 11.59
CA GLY A 125 1.24 -12.17 12.19
CA GLY A 125 1.20 -12.21 11.65
C GLY A 125 -0.02 -11.39 11.85
C GLY A 125 -0.05 -11.38 11.68
N VAL A 126 0.08 -10.06 11.81
CA VAL A 126 -1.08 -9.23 11.74
C VAL A 126 -1.30 -8.81 10.31
N THR A 127 -2.42 -9.20 9.69
CA THR A 127 -2.72 -8.88 8.30
C THR A 127 -3.97 -8.07 8.19
N SER A 128 -3.99 -7.25 7.21
CA SER A 128 -5.15 -6.48 6.82
C SER A 128 -5.38 -6.64 5.33
N THR A 129 -6.66 -6.63 4.96
CA THR A 129 -7.05 -6.70 3.57
C THR A 129 -7.93 -5.49 3.26
N ARG A 130 -7.53 -4.75 2.23
CA ARG A 130 -8.23 -3.57 1.76
C ARG A 130 -8.57 -3.79 0.28
N VAL A 131 -9.86 -3.69 -0.06
CA VAL A 131 -10.35 -4.00 -1.37
C VAL A 131 -10.75 -2.70 -2.07
N TYR A 132 -10.26 -2.54 -3.31
CA TYR A 132 -10.55 -1.38 -4.14
C TYR A 132 -11.29 -1.81 -5.40
N GLU A 133 -12.15 -0.92 -5.88
CA GLU A 133 -12.81 -1.03 -7.16
C GLU A 133 -12.49 0.15 -8.04
N ARG A 134 -12.71 -0.01 -9.36
CA ARG A 134 -12.46 1.12 -10.26
C ARG A 134 -13.35 2.30 -9.95
N ALA A 135 -12.74 3.47 -9.98
CA ALA A 135 -13.47 4.69 -9.73
C ALA A 135 -14.35 4.99 -10.93
#